data_2VFK
#
_entry.id   2VFK
#
_cell.length_a   42.233
_cell.length_b   42.233
_cell.length_c   97.723
_cell.angle_alpha   90.00
_cell.angle_beta   90.00
_cell.angle_gamma   120.00
#
_symmetry.space_group_name_H-M   'P 31'
#
loop_
_entity.id
_entity.type
_entity.pdbx_description
1 polymer 'AKAP18 DELTA'
2 non-polymer 'ADENOSINE MONOPHOSPHATE'
3 water water
#
_entity_poly.entity_id   1
_entity_poly.type   'polypeptide(L)'
_entity_poly.pdbx_seq_one_letter_code
;YQPNYFLSIPITNKKITAGIKVLQNSILRQDNRLTKAMVGDGSFHITLLVMQLLNEDEVNIGTDALLELKPFVEEILEGK
HLTLPFHGIGTFQGQVGFVKLADGDHVSALLEIAETAKRTFQEKGILAGESRTFKPHLTFMKLSKAPMLWKKGVRKIEPG
LYEQFIDHRFGEEILYQIDLCSMLKKKQSNGYYHCESSIVIGEKD
;
_entity_poly.pdbx_strand_id   A
#
loop_
_chem_comp.id
_chem_comp.type
_chem_comp.name
_chem_comp.formula
AMP non-polymer 'ADENOSINE MONOPHOSPHATE' 'C10 H14 N5 O7 P'
#
# COMPACT_ATOMS: atom_id res chain seq x y z
N TYR A 1 15.28 -4.54 9.98
CA TYR A 1 15.37 -5.83 9.23
C TYR A 1 14.77 -5.62 7.83
N GLN A 2 15.08 -6.54 6.92
CA GLN A 2 14.56 -6.49 5.57
C GLN A 2 13.30 -7.37 5.49
N PRO A 3 12.12 -6.75 5.32
CA PRO A 3 10.91 -7.59 5.17
C PRO A 3 10.83 -8.35 3.81
N ASN A 4 10.02 -9.42 3.75
CA ASN A 4 9.71 -10.05 2.48
C ASN A 4 8.23 -10.29 2.26
N TYR A 5 7.41 -9.95 3.26
CA TYR A 5 5.97 -10.07 3.11
C TYR A 5 5.32 -8.81 3.69
N PHE A 6 4.06 -8.59 3.35
CA PHE A 6 3.34 -7.41 3.90
C PHE A 6 1.83 -7.66 3.89
N LEU A 7 1.15 -7.01 4.83
CA LEU A 7 -0.28 -6.91 4.76
C LEU A 7 -0.59 -5.71 3.86
N SER A 8 -1.57 -5.88 2.99
CA SER A 8 -1.86 -4.91 1.93
C SER A 8 -3.37 -4.68 1.90
N ILE A 9 -3.74 -3.42 1.81
CA ILE A 9 -5.13 -3.09 1.57
C ILE A 9 -5.21 -2.73 0.07
N PRO A 10 -5.82 -3.60 -0.75
CA PRO A 10 -5.90 -3.30 -2.18
C PRO A 10 -6.83 -2.10 -2.39
N ILE A 11 -6.58 -1.32 -3.44
CA ILE A 11 -7.50 -0.24 -3.80
C ILE A 11 -8.58 -0.82 -4.75
N THR A 12 -9.79 -0.98 -4.23
CA THR A 12 -10.90 -1.61 -4.95
C THR A 12 -11.74 -0.59 -5.75
N ASN A 13 -11.66 0.69 -5.38
CA ASN A 13 -12.35 1.76 -6.11
C ASN A 13 -11.66 2.06 -7.46
N LYS A 14 -12.27 1.56 -8.54
CA LYS A 14 -11.70 1.71 -9.88
C LYS A 14 -11.44 3.16 -10.28
N LYS A 15 -12.26 4.10 -9.78
CA LYS A 15 -12.05 5.56 -10.01
C LYS A 15 -10.69 6.04 -9.49
N ILE A 16 -10.31 5.56 -8.31
CA ILE A 16 -9.02 5.95 -7.75
C ILE A 16 -7.87 5.44 -8.64
N THR A 17 -7.92 4.15 -8.97
CA THR A 17 -6.79 3.58 -9.74
C THR A 17 -6.75 4.14 -11.17
N ALA A 18 -7.91 4.38 -11.76
CA ALA A 18 -7.98 5.01 -13.09
C ALA A 18 -7.37 6.43 -13.07
N GLY A 19 -7.68 7.22 -12.05
CA GLY A 19 -7.17 8.58 -11.88
C GLY A 19 -5.67 8.59 -11.68
N ILE A 20 -5.20 7.60 -10.94
CA ILE A 20 -3.74 7.48 -10.78
C ILE A 20 -3.05 7.08 -12.11
N LYS A 21 -3.69 6.23 -12.90
CA LYS A 21 -3.17 5.91 -14.26
C LYS A 21 -3.01 7.18 -15.08
N VAL A 22 -4.01 8.06 -15.05
CA VAL A 22 -3.91 9.35 -15.74
C VAL A 22 -2.72 10.16 -15.26
N LEU A 23 -2.56 10.19 -13.94
CA LEU A 23 -1.44 10.91 -13.35
C LEU A 23 -0.10 10.32 -13.83
N GLN A 24 0.01 8.99 -13.79
CA GLN A 24 1.26 8.36 -14.23
C GLN A 24 1.50 8.70 -15.69
N ASN A 25 0.47 8.58 -16.52
CA ASN A 25 0.65 8.86 -17.93
C ASN A 25 1.03 10.30 -18.17
N SER A 26 0.40 11.24 -17.43
CA SER A 26 0.74 12.66 -17.59
C SER A 26 2.22 12.90 -17.32
N ILE A 27 2.73 12.17 -16.33
CA ILE A 27 4.15 12.29 -15.98
C ILE A 27 5.00 11.72 -17.11
N LEU A 28 4.65 10.52 -17.58
CA LEU A 28 5.47 9.88 -18.65
C LEU A 28 5.48 10.64 -19.96
N ARG A 29 4.40 11.35 -20.30
CA ARG A 29 4.44 12.13 -21.53
C ARG A 29 5.35 13.36 -21.44
N GLN A 30 5.71 13.73 -20.21
CA GLN A 30 6.70 14.79 -20.00
C GLN A 30 8.13 14.24 -19.97
N ASP A 31 8.32 13.04 -19.44
CA ASP A 31 9.66 12.46 -19.44
C ASP A 31 9.57 10.95 -19.37
N ASN A 32 9.73 10.32 -20.54
CA ASN A 32 9.57 8.89 -20.60
C ASN A 32 10.63 8.08 -19.84
N ARG A 33 11.70 8.74 -19.40
CA ARG A 33 12.69 8.04 -18.56
C ARG A 33 12.09 7.46 -17.29
N LEU A 34 10.95 8.03 -16.86
CA LEU A 34 10.37 7.65 -15.57
C LEU A 34 9.48 6.39 -15.68
N THR A 35 9.40 5.83 -16.89
CA THR A 35 8.55 4.63 -17.11
C THR A 35 8.79 3.51 -16.10
N LYS A 36 10.03 3.11 -15.87
CA LYS A 36 10.25 1.97 -15.01
C LYS A 36 10.07 2.28 -13.51
N ALA A 37 9.99 3.58 -13.18
CA ALA A 37 9.71 3.96 -11.78
C ALA A 37 8.23 3.83 -11.42
N MET A 38 7.37 3.79 -12.44
CA MET A 38 5.93 3.73 -12.15
C MET A 38 5.56 2.39 -11.57
N VAL A 39 4.69 2.40 -10.56
CA VAL A 39 4.14 1.11 -10.12
C VAL A 39 3.18 0.57 -11.16
N GLY A 40 3.12 -0.75 -11.24
CA GLY A 40 2.35 -1.39 -12.29
C GLY A 40 0.85 -1.30 -12.14
N ASP A 41 0.16 -1.28 -13.29
CA ASP A 41 -1.29 -1.41 -13.28
C ASP A 41 -1.64 -2.65 -12.48
N GLY A 42 -2.62 -2.48 -11.62
CA GLY A 42 -3.16 -3.60 -10.89
C GLY A 42 -2.49 -3.77 -9.55
N SER A 43 -1.43 -3.00 -9.29
CA SER A 43 -0.67 -3.20 -8.01
C SER A 43 -1.01 -2.21 -6.91
N PHE A 44 -1.96 -1.31 -7.15
CA PHE A 44 -2.22 -0.26 -6.17
C PHE A 44 -2.71 -0.79 -4.83
N HIS A 45 -2.10 -0.28 -3.77
CA HIS A 45 -2.43 -0.75 -2.41
C HIS A 45 -1.92 0.19 -1.35
N ILE A 46 -2.43 0.01 -0.13
CA ILE A 46 -1.85 0.65 1.03
C ILE A 46 -1.14 -0.41 1.85
N THR A 47 0.17 -0.25 2.13
CA THR A 47 0.83 -1.19 3.02
C THR A 47 0.34 -0.94 4.45
N LEU A 48 -0.10 -2.02 5.10
CA LEU A 48 -0.53 -1.98 6.48
C LEU A 48 0.52 -2.43 7.52
N LEU A 49 1.34 -3.40 7.10
CA LEU A 49 2.32 -4.01 8.03
C LEU A 49 3.34 -4.76 7.18
N VAL A 50 4.63 -4.57 7.47
CA VAL A 50 5.62 -5.44 6.79
C VAL A 50 6.09 -6.51 7.76
N MET A 51 6.71 -7.57 7.23
CA MET A 51 7.15 -8.68 8.11
C MET A 51 8.13 -9.60 7.37
N GLN A 52 8.75 -10.51 8.11
CA GLN A 52 9.52 -11.62 7.53
C GLN A 52 8.79 -12.95 7.73
N LEU A 53 8.56 -13.68 6.63
CA LEU A 53 8.11 -15.09 6.68
C LEU A 53 9.10 -15.88 5.86
N LEU A 54 9.86 -16.74 6.54
CA LEU A 54 11.11 -17.23 5.96
C LEU A 54 11.10 -18.70 5.60
N ASN A 55 9.95 -19.35 5.80
CA ASN A 55 9.77 -20.73 5.40
C ASN A 55 8.28 -21.04 5.32
N GLU A 56 7.96 -22.25 4.82
CA GLU A 56 6.56 -22.60 4.55
C GLU A 56 5.69 -22.61 5.81
N ASP A 57 6.27 -23.08 6.92
CA ASP A 57 5.58 -23.06 8.19
C ASP A 57 5.24 -21.64 8.59
N GLU A 58 6.19 -20.72 8.40
CA GLU A 58 5.95 -19.31 8.79
C GLU A 58 4.92 -18.65 7.90
N VAL A 59 4.92 -19.03 6.62
CA VAL A 59 3.87 -18.53 5.73
C VAL A 59 2.50 -18.99 6.26
N ASN A 60 2.39 -20.27 6.66
CA ASN A 60 1.12 -20.76 7.21
C ASN A 60 0.72 -20.04 8.51
N ILE A 61 1.67 -19.81 9.42
CA ILE A 61 1.43 -18.98 10.60
C ILE A 61 0.95 -17.56 10.24
N GLY A 62 1.53 -16.98 9.19
CA GLY A 62 1.10 -15.64 8.81
C GLY A 62 -0.35 -15.63 8.37
N THR A 63 -0.73 -16.65 7.62
CA THR A 63 -2.14 -16.81 7.20
C THR A 63 -3.05 -16.93 8.41
N ASP A 64 -2.62 -17.72 9.40
CA ASP A 64 -3.41 -17.84 10.63
C ASP A 64 -3.54 -16.49 11.36
N ALA A 65 -2.45 -15.74 11.42
CA ALA A 65 -2.47 -14.47 12.08
C ALA A 65 -3.41 -13.52 11.37
N LEU A 66 -3.41 -13.55 10.04
CA LEU A 66 -4.31 -12.65 9.33
C LEU A 66 -5.78 -13.00 9.62
N LEU A 67 -6.08 -14.29 9.66
CA LEU A 67 -7.47 -14.72 9.99
C LEU A 67 -7.86 -14.24 11.37
N GLU A 68 -6.91 -14.30 12.31
CA GLU A 68 -7.17 -13.82 13.67
C GLU A 68 -7.38 -12.31 13.74
N LEU A 69 -6.74 -11.58 12.83
CA LEU A 69 -6.81 -10.13 12.82
C LEU A 69 -8.23 -9.63 12.46
N LYS A 70 -8.93 -10.39 11.62
CA LYS A 70 -10.23 -9.96 11.08
C LYS A 70 -11.22 -9.39 12.16
N PRO A 71 -11.54 -10.17 13.21
CA PRO A 71 -12.44 -9.61 14.24
C PRO A 71 -11.92 -8.36 14.95
N PHE A 72 -10.59 -8.21 15.10
CA PHE A 72 -10.09 -7.02 15.76
C PHE A 72 -10.37 -5.80 14.90
N VAL A 73 -10.28 -5.95 13.58
CA VAL A 73 -10.53 -4.82 12.70
C VAL A 73 -11.96 -4.31 12.89
N GLU A 74 -12.92 -5.22 12.96
CA GLU A 74 -14.32 -4.77 13.07
C GLU A 74 -14.58 -4.19 14.46
N GLU A 75 -13.83 -4.63 15.46
CA GLU A 75 -13.91 -3.98 16.80
C GLU A 75 -13.43 -2.53 16.71
N ILE A 76 -12.25 -2.36 16.11
CA ILE A 76 -11.70 -1.00 15.95
C ILE A 76 -12.63 -0.09 15.18
N LEU A 77 -13.28 -0.65 14.16
CA LEU A 77 -14.21 0.16 13.34
C LEU A 77 -15.62 0.31 13.90
N GLU A 78 -15.89 -0.34 15.03
CA GLU A 78 -17.10 -0.14 15.80
C GLU A 78 -18.38 -0.48 15.02
N GLY A 79 -18.25 -1.46 14.10
CA GLY A 79 -19.47 -1.91 13.38
C GLY A 79 -19.80 -0.99 12.23
N LYS A 80 -18.89 -0.09 11.86
CA LYS A 80 -19.05 0.70 10.65
C LYS A 80 -17.88 0.49 9.73
N HIS A 81 -17.82 1.29 8.67
CA HIS A 81 -16.78 1.10 7.69
C HIS A 81 -15.73 2.18 7.79
N LEU A 82 -14.55 1.89 7.29
CA LEU A 82 -13.43 2.86 7.25
C LEU A 82 -13.37 3.45 5.85
N THR A 83 -13.63 4.76 5.75
CA THR A 83 -13.57 5.48 4.48
C THR A 83 -12.24 6.24 4.42
N LEU A 84 -11.47 5.95 3.38
CA LEU A 84 -10.14 6.51 3.17
C LEU A 84 -10.15 7.48 1.96
N PRO A 85 -10.14 8.80 2.21
CA PRO A 85 -10.12 9.76 1.08
C PRO A 85 -8.68 9.98 0.59
N PHE A 86 -8.50 9.78 -0.71
CA PHE A 86 -7.20 9.91 -1.36
C PHE A 86 -7.20 11.22 -2.15
N HIS A 87 -6.33 12.13 -1.69
CA HIS A 87 -6.38 13.50 -2.14
C HIS A 87 -5.00 14.11 -2.15
N GLY A 88 -4.56 14.60 -3.30
CA GLY A 88 -3.28 15.27 -3.41
C GLY A 88 -2.09 14.33 -3.53
N ILE A 89 -0.92 14.94 -3.71
CA ILE A 89 0.33 14.20 -3.97
C ILE A 89 1.34 14.59 -2.89
N GLY A 90 2.03 13.58 -2.35
CA GLY A 90 3.13 13.77 -1.41
C GLY A 90 4.34 12.97 -1.90
N THR A 91 5.50 13.23 -1.32
CA THR A 91 6.68 12.39 -1.59
C THR A 91 7.44 12.12 -0.31
N PHE A 92 8.26 11.07 -0.36
CA PHE A 92 9.27 10.85 0.66
C PHE A 92 10.58 11.32 0.05
N GLN A 93 10.97 12.55 0.41
CA GLN A 93 12.20 13.17 -0.07
C GLN A 93 12.41 13.10 -1.58
N GLY A 94 11.30 13.17 -2.32
CA GLY A 94 11.38 13.25 -3.78
C GLY A 94 11.73 11.91 -4.44
N GLN A 95 11.77 10.84 -3.64
CA GLN A 95 12.20 9.53 -4.16
C GLN A 95 11.04 8.57 -4.38
N VAL A 96 9.96 8.80 -3.65
CA VAL A 96 8.75 7.97 -3.72
C VAL A 96 7.63 8.97 -3.90
N GLY A 97 6.81 8.77 -4.93
CA GLY A 97 5.64 9.65 -5.11
C GLY A 97 4.38 8.86 -4.75
N PHE A 98 3.52 9.52 -3.97
CA PHE A 98 2.31 8.84 -3.53
C PHE A 98 1.11 9.78 -3.55
N VAL A 99 -0.07 9.16 -3.63
CA VAL A 99 -1.31 9.89 -3.37
C VAL A 99 -1.53 9.92 -1.85
N LYS A 100 -1.85 11.11 -1.33
CA LYS A 100 -1.93 11.28 0.12
C LYS A 100 -3.26 10.77 0.63
N LEU A 101 -3.22 10.32 1.87
CA LEU A 101 -4.43 10.08 2.64
C LEU A 101 -4.81 11.42 3.29
N ALA A 102 -6.00 11.90 2.96
CA ALA A 102 -6.56 13.13 3.56
C ALA A 102 -6.58 12.99 5.08
N ASP A 103 -6.39 14.10 5.78
CA ASP A 103 -6.46 14.07 7.24
C ASP A 103 -7.91 13.79 7.66
N GLY A 104 -8.05 13.20 8.84
CA GLY A 104 -9.35 13.02 9.48
C GLY A 104 -9.31 11.85 10.46
N ASP A 105 -10.46 11.57 11.08
CA ASP A 105 -10.65 10.47 12.04
C ASP A 105 -10.19 9.09 11.58
N HIS A 106 -10.38 8.81 10.28
CA HIS A 106 -9.98 7.53 9.72
C HIS A 106 -8.47 7.25 9.84
N VAL A 107 -7.66 8.30 10.01
CA VAL A 107 -6.21 8.11 10.10
C VAL A 107 -5.88 7.39 11.42
N SER A 108 -6.47 7.84 12.52
CA SER A 108 -6.21 7.18 13.80
C SER A 108 -6.72 5.74 13.81
N ALA A 109 -7.87 5.50 13.16
CA ALA A 109 -8.40 4.14 13.05
C ALA A 109 -7.44 3.26 12.26
N LEU A 110 -6.94 3.77 11.12
CA LEU A 110 -6.01 3.01 10.30
C LEU A 110 -4.71 2.70 11.08
N LEU A 111 -4.22 3.69 11.82
CA LEU A 111 -3.04 3.47 12.70
C LEU A 111 -3.30 2.40 13.78
N GLU A 112 -4.49 2.39 14.36
CA GLU A 112 -4.83 1.39 15.36
C GLU A 112 -4.84 -0.01 14.74
N ILE A 113 -5.37 -0.10 13.51
CA ILE A 113 -5.38 -1.36 12.85
C ILE A 113 -3.94 -1.85 12.61
N ALA A 114 -3.07 -0.94 12.17
CA ALA A 114 -1.68 -1.33 11.93
C ALA A 114 -0.98 -1.82 13.20
N GLU A 115 -1.20 -1.13 14.31
CA GLU A 115 -0.56 -1.53 15.55
C GLU A 115 -1.13 -2.86 16.08
N THR A 116 -2.46 -3.04 16.00
CA THR A 116 -3.03 -4.32 16.40
C THR A 116 -2.55 -5.46 15.48
N ALA A 117 -2.37 -5.16 14.19
CA ALA A 117 -1.85 -6.19 13.25
C ALA A 117 -0.42 -6.60 13.70
N LYS A 118 0.39 -5.60 14.04
CA LYS A 118 1.78 -5.90 14.46
C LYS A 118 1.75 -6.81 15.67
N ARG A 119 0.92 -6.47 16.65
CA ARG A 119 0.87 -7.23 17.90
C ARG A 119 0.39 -8.65 17.62
N THR A 120 -0.63 -8.77 16.78
CA THR A 120 -1.24 -10.07 16.43
C THR A 120 -0.20 -11.00 15.81
N PHE A 121 0.59 -10.43 14.90
CA PHE A 121 1.57 -11.21 14.18
C PHE A 121 2.75 -11.57 15.09
N GLN A 122 3.22 -10.60 15.87
CA GLN A 122 4.33 -10.89 16.80
C GLN A 122 3.97 -11.96 17.83
N GLU A 123 2.74 -11.92 18.33
CA GLU A 123 2.27 -12.96 19.28
C GLU A 123 2.14 -14.37 18.68
N LYS A 124 2.20 -14.45 17.35
CA LYS A 124 2.26 -15.73 16.64
C LYS A 124 3.67 -16.12 16.24
N GLY A 125 4.65 -15.26 16.56
CA GLY A 125 6.08 -15.58 16.35
C GLY A 125 6.68 -14.95 15.08
N ILE A 126 5.95 -13.99 14.48
CA ILE A 126 6.42 -13.34 13.23
C ILE A 126 7.04 -11.96 13.52
N LEU A 127 8.30 -11.76 13.10
CA LEU A 127 8.92 -10.46 13.14
C LEU A 127 8.21 -9.54 12.15
N ALA A 128 7.55 -8.51 12.69
CA ALA A 128 6.64 -7.68 11.93
C ALA A 128 6.73 -6.26 12.44
N GLY A 129 6.40 -5.34 11.53
CA GLY A 129 6.40 -3.92 11.87
C GLY A 129 7.73 -3.24 11.73
N GLU A 130 7.73 -1.94 12.02
CA GLU A 130 8.91 -1.08 11.78
C GLU A 130 9.04 -0.15 12.97
N SER A 131 10.26 0.28 13.27
CA SER A 131 10.44 1.25 14.35
C SER A 131 9.99 2.65 13.93
N ARG A 132 10.17 2.95 12.65
CA ARG A 132 9.77 4.22 12.06
C ARG A 132 8.22 4.42 12.17
N THR A 133 7.78 5.66 12.34
CA THR A 133 6.36 6.00 12.43
C THR A 133 5.65 5.59 11.13
N PHE A 134 4.52 4.93 11.29
CA PHE A 134 3.69 4.51 10.17
C PHE A 134 3.09 5.73 9.50
N LYS A 135 3.32 5.84 8.19
CA LYS A 135 2.84 6.94 7.38
C LYS A 135 2.05 6.35 6.19
N PRO A 136 0.73 6.12 6.36
CA PRO A 136 -0.03 5.52 5.25
C PRO A 136 0.03 6.38 4.00
N HIS A 137 0.12 5.73 2.83
CA HIS A 137 0.29 6.44 1.58
C HIS A 137 -0.03 5.49 0.45
N LEU A 138 -0.41 6.03 -0.73
CA LEU A 138 -0.73 5.14 -1.86
C LEU A 138 0.31 5.42 -2.97
N THR A 139 1.34 4.57 -3.04
CA THR A 139 2.45 4.85 -3.96
C THR A 139 1.99 4.79 -5.42
N PHE A 140 2.50 5.74 -6.23
CA PHE A 140 2.34 5.64 -7.71
C PHE A 140 3.69 5.48 -8.43
N MET A 141 4.78 5.84 -7.75
CA MET A 141 6.10 5.65 -8.37
C MET A 141 7.18 5.63 -7.32
N LYS A 142 8.27 4.97 -7.63
CA LYS A 142 9.40 4.92 -6.69
C LYS A 142 10.68 4.80 -7.49
N LEU A 143 11.59 5.74 -7.31
CA LEU A 143 12.80 5.76 -8.16
C LEU A 143 13.65 4.50 -7.98
N SER A 144 13.57 3.91 -6.80
CA SER A 144 14.38 2.72 -6.45
C SER A 144 14.09 1.53 -7.38
N LYS A 145 12.89 1.57 -7.98
CA LYS A 145 12.45 0.56 -8.93
C LYS A 145 13.26 0.62 -10.23
N ALA A 146 13.86 1.77 -10.48
CA ALA A 146 14.56 2.06 -11.74
C ALA A 146 15.98 2.49 -11.41
N PRO A 147 16.84 1.52 -11.03
CA PRO A 147 18.16 1.88 -10.53
C PRO A 147 19.05 2.60 -11.54
N MET A 148 18.73 2.54 -12.84
CA MET A 148 19.57 3.26 -13.82
C MET A 148 19.28 4.78 -13.80
N LEU A 149 18.17 5.19 -13.21
CA LEU A 149 17.87 6.61 -13.15
C LEU A 149 18.92 7.34 -12.29
N TRP A 150 19.24 6.77 -11.11
CA TRP A 150 20.19 7.37 -10.13
C TRP A 150 21.49 7.56 -10.82
N LYS A 151 21.96 6.46 -11.43
CA LYS A 151 23.21 6.46 -12.21
C LYS A 151 23.18 7.40 -13.42
N LYS A 152 21.97 7.78 -13.85
CA LYS A 152 21.75 8.56 -15.08
C LYS A 152 21.32 9.98 -14.67
N GLY A 153 20.59 10.68 -15.54
CA GLY A 153 20.14 12.07 -15.31
C GLY A 153 18.92 12.42 -14.43
N VAL A 154 18.41 11.46 -13.66
CA VAL A 154 17.21 11.70 -12.80
C VAL A 154 17.45 11.25 -11.34
N ARG A 155 17.65 12.19 -10.41
CA ARG A 155 17.87 11.81 -9.01
C ARG A 155 16.74 12.17 -8.03
N LYS A 156 15.65 12.73 -8.54
CA LYS A 156 14.44 12.98 -7.74
C LYS A 156 13.29 13.14 -8.70
N ILE A 157 12.06 13.04 -8.17
CA ILE A 157 10.89 13.30 -9.00
C ILE A 157 10.67 14.83 -9.04
N GLU A 158 10.76 15.41 -10.23
CA GLU A 158 10.52 16.85 -10.36
C GLU A 158 9.06 17.16 -10.03
N PRO A 159 8.83 18.04 -9.02
CA PRO A 159 7.43 18.34 -8.64
C PRO A 159 6.62 19.00 -9.77
N GLY A 160 7.25 19.71 -10.69
CA GLY A 160 6.54 20.20 -11.88
C GLY A 160 5.81 19.13 -12.66
N LEU A 161 6.32 17.89 -12.61
CA LEU A 161 5.72 16.77 -13.35
C LEU A 161 4.30 16.44 -12.87
N TYR A 162 3.98 16.70 -11.60
CA TYR A 162 2.66 16.36 -11.08
C TYR A 162 1.86 17.56 -10.55
N GLU A 163 2.31 18.76 -10.89
CA GLU A 163 1.74 19.99 -10.34
C GLU A 163 0.23 20.08 -10.57
N GLN A 164 -0.24 19.58 -11.71
CA GLN A 164 -1.68 19.72 -12.00
C GLN A 164 -2.53 18.87 -11.11
N PHE A 165 -1.89 17.89 -10.45
CA PHE A 165 -2.63 16.95 -9.58
C PHE A 165 -2.33 17.13 -8.10
N ILE A 166 -1.51 18.13 -7.74
CA ILE A 166 -0.97 18.20 -6.36
C ILE A 166 -2.05 18.22 -5.32
N ASP A 167 -3.21 18.74 -5.73
CA ASP A 167 -4.41 18.88 -4.91
C ASP A 167 -5.69 18.22 -5.48
N HIS A 168 -5.52 17.14 -6.23
CA HIS A 168 -6.63 16.47 -6.89
C HIS A 168 -7.29 15.42 -5.97
N ARG A 169 -8.61 15.42 -5.93
CA ARG A 169 -9.34 14.34 -5.27
C ARG A 169 -9.40 13.10 -6.17
N PHE A 170 -8.62 12.10 -5.78
CA PHE A 170 -8.64 10.83 -6.49
C PHE A 170 -9.89 10.01 -6.24
N GLY A 171 -10.36 10.00 -5.00
CA GLY A 171 -11.61 9.34 -4.67
C GLY A 171 -11.50 8.81 -3.27
N GLU A 172 -12.51 8.05 -2.87
CA GLU A 172 -12.52 7.47 -1.52
C GLU A 172 -12.56 5.97 -1.65
N GLU A 173 -11.79 5.33 -0.81
CA GLU A 173 -11.74 3.89 -0.77
C GLU A 173 -12.37 3.48 0.54
N ILE A 174 -13.40 2.64 0.49
CA ILE A 174 -13.87 1.99 1.72
C ILE A 174 -13.05 0.72 1.92
N LEU A 175 -12.56 0.50 3.14
CA LEU A 175 -11.72 -0.65 3.39
C LEU A 175 -12.59 -1.92 3.26
N TYR A 176 -12.21 -2.78 2.31
CA TYR A 176 -12.97 -4.01 2.05
C TYR A 176 -12.17 -5.31 2.17
N GLN A 177 -10.86 -5.22 2.23
CA GLN A 177 -10.06 -6.46 2.20
C GLN A 177 -8.68 -6.17 2.73
N ILE A 178 -8.07 -7.16 3.38
CA ILE A 178 -6.63 -7.11 3.70
C ILE A 178 -6.02 -8.42 3.21
N ASP A 179 -4.94 -8.28 2.44
CA ASP A 179 -4.25 -9.43 1.87
C ASP A 179 -2.88 -9.64 2.53
N LEU A 180 -2.48 -10.90 2.60
CA LEU A 180 -1.09 -11.23 2.99
C LEU A 180 -0.33 -11.46 1.67
N CYS A 181 0.59 -10.55 1.35
CA CYS A 181 1.27 -10.58 0.05
C CYS A 181 2.78 -10.81 0.16
N SER A 182 3.29 -11.49 -0.85
CA SER A 182 4.73 -11.68 -0.96
C SER A 182 5.31 -10.50 -1.71
N MET A 183 6.42 -9.95 -1.20
CA MET A 183 7.12 -8.85 -1.89
C MET A 183 7.86 -9.31 -3.14
N LEU A 184 8.32 -10.57 -3.12
CA LEU A 184 9.35 -11.04 -4.09
C LEU A 184 8.89 -12.09 -5.08
N LYS A 185 7.82 -12.81 -4.76
CA LYS A 185 7.23 -13.75 -5.73
C LYS A 185 6.64 -13.02 -6.93
N LYS A 186 6.52 -13.73 -8.04
CA LYS A 186 5.97 -13.15 -9.27
C LYS A 186 4.55 -12.65 -9.03
N LYS A 187 4.21 -11.53 -9.65
CA LYS A 187 2.87 -10.99 -9.54
C LYS A 187 1.82 -11.86 -10.21
N GLN A 188 0.56 -11.68 -9.77
CA GLN A 188 -0.57 -12.31 -10.42
C GLN A 188 -0.72 -11.78 -11.84
N SER A 189 -1.49 -12.50 -12.66
CA SER A 189 -1.71 -12.06 -14.04
C SER A 189 -2.38 -10.67 -14.13
N ASN A 190 -3.16 -10.29 -13.12
CA ASN A 190 -3.83 -9.00 -13.11
C ASN A 190 -2.90 -7.88 -12.61
N GLY A 191 -1.66 -8.22 -12.30
CA GLY A 191 -0.68 -7.19 -11.89
C GLY A 191 -0.56 -6.99 -10.36
N TYR A 192 -1.46 -7.63 -9.61
CA TYR A 192 -1.36 -7.54 -8.14
C TYR A 192 -0.29 -8.47 -7.60
N TYR A 193 0.17 -8.18 -6.38
CA TYR A 193 1.17 -9.03 -5.72
C TYR A 193 0.64 -10.42 -5.48
N HIS A 194 1.55 -11.40 -5.46
CA HIS A 194 1.21 -12.74 -5.02
C HIS A 194 0.59 -12.72 -3.62
N CYS A 195 -0.60 -13.31 -3.52
CA CYS A 195 -1.37 -13.33 -2.32
CA CYS A 195 -1.39 -13.34 -2.27
C CYS A 195 -1.42 -14.73 -1.71
N GLU A 196 -0.96 -14.84 -0.47
CA GLU A 196 -1.01 -16.08 0.25
C GLU A 196 -2.40 -16.32 0.83
N SER A 197 -3.02 -15.24 1.32
CA SER A 197 -4.30 -15.32 2.01
C SER A 197 -4.93 -13.93 2.04
N SER A 198 -6.22 -13.86 2.39
CA SER A 198 -6.95 -12.58 2.34
C SER A 198 -8.08 -12.74 3.33
N ILE A 199 -8.44 -11.61 3.93
CA ILE A 199 -9.69 -11.54 4.67
C ILE A 199 -10.57 -10.40 4.17
N VAL A 200 -11.89 -10.60 4.36
CA VAL A 200 -12.86 -9.57 3.98
C VAL A 200 -13.14 -8.67 5.17
N ILE A 201 -13.24 -7.37 4.90
CA ILE A 201 -13.63 -6.38 5.90
C ILE A 201 -14.90 -5.72 5.43
N GLY A 202 -15.79 -5.43 6.38
CA GLY A 202 -16.95 -4.61 6.04
C GLY A 202 -18.08 -5.31 5.30
N GLU A 203 -18.04 -6.63 5.23
CA GLU A 203 -19.18 -7.33 4.65
C GLU A 203 -19.94 -8.19 5.66
N LYS A 204 -21.23 -8.39 5.39
CA LYS A 204 -22.03 -9.30 6.16
C LYS A 204 -21.42 -10.68 5.98
N ASP A 205 -21.20 -11.38 7.09
CA ASP A 205 -20.64 -12.72 7.01
C ASP A 205 -21.76 -13.73 6.80
P AMP B . 4.93 1.02 -0.40
O1P AMP B . 5.84 -0.18 -0.54
O2P AMP B . 4.21 1.35 -1.66
O3P AMP B . 4.07 0.94 0.85
O5' AMP B . 5.87 2.29 -0.10
C5' AMP B . 6.84 2.62 -1.08
C4' AMP B . 8.14 3.04 -0.39
O4' AMP B . 7.92 4.10 0.56
C3' AMP B . 8.66 1.86 0.40
O3' AMP B . 9.81 1.30 -0.19
C2' AMP B . 9.00 2.37 1.75
O2' AMP B . 10.31 1.98 2.08
C1' AMP B . 8.87 3.88 1.62
N9 AMP B . 8.31 4.33 2.90
C8 AMP B . 7.26 3.78 3.56
N7 AMP B . 7.00 4.45 4.70
C5 AMP B . 7.90 5.46 4.77
C6 AMP B . 8.17 6.51 5.75
N6 AMP B . 7.40 6.61 6.86
N1 AMP B . 9.20 7.37 5.45
C2 AMP B . 9.97 7.23 4.34
N3 AMP B . 9.78 6.28 3.40
C4 AMP B . 8.76 5.38 3.58
#